data_2G2P
#
_entry.id   2G2P
#
_cell.length_a   44.720
_cell.length_b   92.030
_cell.length_c   57.490
_cell.angle_alpha   90.00
_cell.angle_beta   103.50
_cell.angle_gamma   90.00
#
_symmetry.space_group_name_H-M   'P 1 21 1'
#
loop_
_entity.id
_entity.type
_entity.pdbx_description
1 polymer 'Transthyretin-like protein'
2 non-polymer 'ZINC ION'
3 non-polymer 'BROMIDE ION'
4 non-polymer 'SULFATE ION'
5 water water
#
_entity_poly.entity_id   1
_entity_poly.type   'polypeptide(L)'
_entity_poly.pdbx_seq_one_letter_code
;AQQNILSVHILNQQTGKPAADVTVTLEKKADNGWLQLNTAKTDKDGRIKALWPEQTATTGDYRVVFKTGDYFKKQNLESF
FPEIPVEFHINKVNEHYHVPLLLSQYGYSTYRGS
;
_entity_poly.pdbx_strand_id   A,B,C,D
#
loop_
_chem_comp.id
_chem_comp.type
_chem_comp.name
_chem_comp.formula
BR non-polymer 'BROMIDE ION' 'Br -1'
SO4 non-polymer 'SULFATE ION' 'O4 S -2'
ZN non-polymer 'ZINC ION' 'Zn 2'
#
# COMPACT_ATOMS: atom_id res chain seq x y z
N ASN A 4 -5.79 -26.78 -2.53
CA ASN A 4 -4.92 -26.16 -3.58
C ASN A 4 -4.03 -25.07 -2.96
N ILE A 5 -2.78 -25.08 -3.36
CA ILE A 5 -1.78 -24.36 -2.59
C ILE A 5 -1.65 -22.89 -2.96
N LEU A 6 -2.36 -22.43 -3.98
CA LEU A 6 -2.23 -21.05 -4.44
C LEU A 6 -3.55 -20.37 -4.82
N SER A 7 -3.90 -19.32 -4.08
CA SER A 7 -5.02 -18.46 -4.39
C SER A 7 -4.53 -17.04 -4.68
N VAL A 8 -5.20 -16.36 -5.60
CA VAL A 8 -4.95 -14.95 -5.86
C VAL A 8 -6.27 -14.24 -6.00
N HIS A 9 -6.26 -12.94 -5.70
CA HIS A 9 -7.43 -12.10 -5.94
C HIS A 9 -7.00 -10.67 -6.20
N ILE A 10 -7.89 -9.93 -6.84
CA ILE A 10 -7.62 -8.57 -7.24
C ILE A 10 -8.77 -7.72 -6.75
N LEU A 11 -8.43 -6.66 -6.03
CA LEU A 11 -9.40 -5.69 -5.58
C LEU A 11 -9.03 -4.38 -6.21
N ASN A 12 -9.94 -3.83 -6.99
CA ASN A 12 -9.79 -2.53 -7.62
C ASN A 12 -10.05 -1.49 -6.56
N GLN A 13 -8.98 -0.85 -6.09
CA GLN A 13 -9.07 0.20 -5.07
C GLN A 13 -9.75 1.50 -5.56
N GLN A 14 -9.99 1.60 -6.87
CA GLN A 14 -10.73 2.74 -7.42
C GLN A 14 -12.23 2.58 -7.30
N THR A 15 -12.71 1.34 -7.33
CA THR A 15 -14.14 1.05 -7.17
C THR A 15 -14.48 0.40 -5.82
N GLY A 16 -13.48 -0.09 -5.10
CA GLY A 16 -13.69 -0.90 -3.92
C GLY A 16 -14.45 -2.18 -4.22
N LYS A 17 -14.29 -2.70 -5.45
CA LYS A 17 -14.94 -3.92 -5.90
C LYS A 17 -13.91 -4.79 -6.60
N PRO A 18 -14.20 -6.08 -6.72
CA PRO A 18 -13.25 -7.00 -7.34
C PRO A 18 -13.00 -6.71 -8.82
N ALA A 19 -11.81 -7.03 -9.29
CA ALA A 19 -11.50 -6.97 -10.72
C ALA A 19 -11.77 -8.34 -11.31
N ALA A 20 -12.86 -8.45 -12.08
CA ALA A 20 -13.36 -9.69 -12.64
C ALA A 20 -12.78 -9.97 -14.03
N ASP A 21 -12.55 -11.25 -14.31
CA ASP A 21 -12.14 -11.70 -15.64
C ASP A 21 -10.78 -11.14 -16.08
N VAL A 22 -9.85 -11.10 -15.13
CA VAL A 22 -8.48 -10.68 -15.38
C VAL A 22 -7.65 -11.93 -15.56
N THR A 23 -6.90 -12.01 -16.63
CA THR A 23 -6.02 -13.13 -16.86
C THR A 23 -4.86 -13.09 -15.89
N VAL A 24 -4.57 -14.23 -15.28
CA VAL A 24 -3.44 -14.37 -14.41
C VAL A 24 -2.68 -15.62 -14.78
N THR A 25 -1.37 -15.49 -15.01
CA THR A 25 -0.52 -16.62 -15.33
C THR A 25 0.29 -17.02 -14.10
N LEU A 26 0.74 -18.27 -14.08
CA LEU A 26 1.61 -18.78 -13.03
C LEU A 26 2.80 -19.44 -13.69
N GLU A 27 3.99 -19.14 -13.18
CA GLU A 27 5.24 -19.68 -13.72
C GLU A 27 6.16 -20.17 -12.61
N LYS A 28 6.96 -21.19 -12.94
CA LYS A 28 8.03 -21.70 -12.10
C LYS A 28 9.37 -21.19 -12.63
N LYS A 29 10.24 -20.75 -11.73
CA LYS A 29 11.61 -20.37 -12.09
C LYS A 29 12.36 -21.65 -12.34
N ALA A 30 12.96 -21.71 -13.52
CA ALA A 30 13.80 -22.80 -13.97
C ALA A 30 15.29 -22.39 -13.93
N ASP A 31 16.14 -23.35 -14.21
CA ASP A 31 17.58 -23.08 -14.28
C ASP A 31 17.87 -21.90 -15.20
N ASN A 32 17.22 -21.90 -16.36
CA ASN A 32 17.21 -20.77 -17.25
C ASN A 32 15.79 -20.33 -17.53
N GLY A 33 15.52 -19.06 -17.31
CA GLY A 33 14.23 -18.48 -17.56
C GLY A 33 13.15 -19.08 -16.66
N TRP A 34 11.93 -19.09 -17.19
CA TRP A 34 10.75 -19.59 -16.50
C TRP A 34 9.98 -20.61 -17.34
N LEU A 35 9.17 -21.42 -16.67
CA LEU A 35 8.30 -22.41 -17.30
C LEU A 35 6.89 -22.07 -16.87
N GLN A 36 5.94 -22.04 -17.80
CA GLN A 36 4.57 -21.72 -17.43
C GLN A 36 3.87 -22.95 -16.86
N LEU A 37 3.26 -22.79 -15.69
CA LEU A 37 2.49 -23.84 -15.03
C LEU A 37 0.99 -23.73 -15.32
N ASN A 38 0.45 -22.53 -15.40
CA ASN A 38 -0.99 -22.38 -15.55
C ASN A 38 -1.35 -20.99 -15.99
N THR A 39 -2.56 -20.89 -16.56
CA THR A 39 -3.18 -19.60 -16.75
C THR A 39 -4.68 -19.72 -16.38
N ALA A 40 -5.22 -18.68 -15.76
CA ALA A 40 -6.66 -18.62 -15.52
C ALA A 40 -7.17 -17.18 -15.43
N LYS A 41 -8.45 -17.01 -15.22
CA LYS A 41 -9.04 -15.68 -15.17
C LYS A 41 -9.74 -15.54 -13.83
N THR A 42 -9.64 -14.37 -13.22
CA THR A 42 -10.39 -14.10 -12.00
C THR A 42 -11.88 -14.21 -12.28
N ASP A 43 -12.59 -14.84 -11.34
CA ASP A 43 -14.03 -14.99 -11.39
C ASP A 43 -14.73 -13.65 -11.00
N LYS A 44 -16.03 -13.70 -10.77
CA LYS A 44 -16.81 -12.48 -10.52
C LYS A 44 -16.49 -11.80 -9.17
N ASP A 45 -15.83 -12.53 -8.26
CA ASP A 45 -15.41 -11.99 -6.97
C ASP A 45 -13.95 -11.60 -6.99
N GLY A 46 -13.42 -11.48 -8.21
CA GLY A 46 -12.02 -11.18 -8.45
C GLY A 46 -11.04 -12.26 -8.00
N ARG A 47 -11.50 -13.50 -7.87
CA ARG A 47 -10.69 -14.58 -7.29
C ARG A 47 -10.30 -15.68 -8.28
N ILE A 48 -9.12 -16.26 -8.08
CA ILE A 48 -8.80 -17.58 -8.60
C ILE A 48 -8.40 -18.37 -7.37
N LYS A 49 -9.30 -19.21 -6.92
CA LYS A 49 -9.13 -19.91 -5.65
C LYS A 49 -8.05 -20.99 -5.77
N ALA A 50 -7.88 -21.53 -6.97
CA ALA A 50 -7.07 -22.72 -7.20
C ALA A 50 -6.24 -22.51 -8.46
N LEU A 51 -5.12 -21.81 -8.33
CA LEU A 51 -4.30 -21.44 -9.49
C LEU A 51 -3.21 -22.47 -9.79
N TRP A 52 -2.82 -23.24 -8.79
CA TRP A 52 -1.81 -24.27 -9.00
C TRP A 52 -2.41 -25.36 -9.89
N PRO A 53 -1.64 -25.88 -10.84
CA PRO A 53 -2.12 -26.98 -11.70
C PRO A 53 -2.23 -28.29 -10.91
N GLU A 54 -2.53 -29.40 -11.57
CA GLU A 54 -2.58 -30.69 -10.86
C GLU A 54 -1.21 -31.39 -10.79
N GLN A 55 -0.29 -30.79 -10.04
CA GLN A 55 1.09 -31.27 -9.87
C GLN A 55 1.60 -30.83 -8.48
N THR A 56 2.34 -31.70 -7.80
CA THR A 56 2.94 -31.34 -6.49
C THR A 56 3.89 -30.15 -6.67
N ALA A 57 3.91 -29.26 -5.68
CA ALA A 57 4.80 -28.11 -5.71
C ALA A 57 6.14 -28.50 -5.13
N THR A 58 7.19 -27.83 -5.60
CA THR A 58 8.49 -27.93 -4.98
C THR A 58 8.92 -26.54 -4.52
N THR A 59 9.83 -26.52 -3.54
CA THR A 59 10.36 -25.27 -3.04
C THR A 59 11.05 -24.52 -4.18
N GLY A 60 10.94 -23.20 -4.14
CA GLY A 60 11.65 -22.37 -5.10
C GLY A 60 10.83 -21.16 -5.44
N ASP A 61 11.29 -20.44 -6.45
CA ASP A 61 10.69 -19.18 -6.85
C ASP A 61 9.65 -19.37 -7.93
N TYR A 62 8.58 -18.60 -7.82
CA TYR A 62 7.49 -18.62 -8.78
C TYR A 62 7.09 -17.19 -9.12
N ARG A 63 6.24 -17.05 -10.12
CA ARG A 63 5.81 -15.74 -10.58
C ARG A 63 4.37 -15.81 -11.01
N VAL A 64 3.50 -14.98 -10.43
CA VAL A 64 2.19 -14.76 -11.02
C VAL A 64 2.22 -13.45 -11.77
N VAL A 65 1.50 -13.39 -12.87
CA VAL A 65 1.45 -12.18 -13.64
C VAL A 65 0.01 -11.82 -13.88
N PHE A 66 -0.39 -10.69 -13.30
CA PHE A 66 -1.76 -10.24 -13.43
C PHE A 66 -1.78 -9.34 -14.65
N LYS A 67 -2.60 -9.71 -15.62
CA LYS A 67 -2.64 -8.98 -16.88
C LYS A 67 -3.56 -7.80 -16.72
N THR A 68 -3.13 -6.81 -15.96
CA THR A 68 -4.00 -5.70 -15.57
C THR A 68 -4.09 -4.58 -16.61
N GLY A 69 -3.12 -4.50 -17.52
CA GLY A 69 -3.17 -3.48 -18.56
C GLY A 69 -4.34 -3.74 -19.49
N ASP A 70 -4.55 -4.99 -19.85
CA ASP A 70 -5.70 -5.39 -20.63
C ASP A 70 -7.00 -5.03 -19.93
N TYR A 71 -7.02 -5.28 -18.61
CA TYR A 71 -8.21 -5.11 -17.79
C TYR A 71 -8.65 -3.66 -17.84
N PHE A 72 -7.70 -2.76 -17.61
CA PHE A 72 -7.96 -1.32 -17.70
C PHE A 72 -8.27 -0.86 -19.15
N LYS A 73 -7.62 -1.47 -20.12
CA LYS A 73 -7.79 -1.08 -21.52
C LYS A 73 -9.24 -1.33 -21.96
N LYS A 74 -9.83 -2.40 -21.43
CA LYS A 74 -11.22 -2.73 -21.70
C LYS A 74 -12.15 -1.69 -21.09
N GLN A 75 -11.66 -0.99 -20.06
CA GLN A 75 -12.41 0.10 -19.47
C GLN A 75 -12.17 1.46 -20.14
N ASN A 76 -11.39 1.47 -21.23
CA ASN A 76 -10.84 2.69 -21.83
C ASN A 76 -10.00 3.53 -20.85
N LEU A 77 -9.22 2.83 -20.04
CA LEU A 77 -8.37 3.46 -19.04
C LEU A 77 -6.90 3.08 -19.28
N GLU A 78 -6.05 4.09 -19.10
CA GLU A 78 -4.60 3.97 -19.20
C GLU A 78 -4.09 3.53 -17.84
N SER A 79 -2.96 2.84 -17.86
CA SER A 79 -2.28 2.42 -16.65
C SER A 79 -0.77 2.56 -16.84
N PHE A 80 -0.06 2.80 -15.74
CA PHE A 80 1.40 2.77 -15.77
C PHE A 80 1.97 1.41 -16.20
N PHE A 81 1.32 0.34 -15.80
CA PHE A 81 1.86 -1.01 -15.94
C PHE A 81 1.17 -1.81 -17.06
N PRO A 82 1.92 -2.39 -18.00
CA PRO A 82 1.31 -3.26 -19.03
C PRO A 82 0.71 -4.49 -18.38
N GLU A 83 1.36 -4.91 -17.31
CA GLU A 83 1.02 -6.08 -16.53
C GLU A 83 1.74 -5.96 -15.17
N ILE A 84 1.39 -6.82 -14.22
CA ILE A 84 1.98 -6.75 -12.89
C ILE A 84 2.48 -8.12 -12.50
N PRO A 85 3.78 -8.32 -12.64
CA PRO A 85 4.40 -9.56 -12.17
C PRO A 85 4.65 -9.49 -10.69
N VAL A 86 4.38 -10.59 -10.00
CA VAL A 86 4.74 -10.77 -8.60
C VAL A 86 5.51 -12.06 -8.40
N GLU A 87 6.76 -11.93 -7.98
CA GLU A 87 7.63 -13.08 -7.75
C GLU A 87 7.55 -13.45 -6.29
N PHE A 88 7.38 -14.72 -6.00
CA PHE A 88 7.36 -15.17 -4.63
C PHE A 88 8.06 -16.51 -4.47
N HIS A 89 8.33 -16.87 -3.21
CA HIS A 89 9.13 -18.03 -2.86
C HIS A 89 8.24 -18.99 -2.10
N ILE A 90 8.16 -20.22 -2.58
CA ILE A 90 7.54 -21.28 -1.81
C ILE A 90 8.64 -21.99 -1.07
N ASN A 91 8.57 -22.02 0.26
CA ASN A 91 9.52 -22.83 1.03
C ASN A 91 8.88 -24.12 1.57
N LYS A 92 7.75 -24.06 2.26
CA LYS A 92 7.02 -25.29 2.65
C LYS A 92 5.97 -25.59 1.57
N VAL A 93 6.05 -26.79 0.98
CA VAL A 93 5.25 -27.13 -0.21
C VAL A 93 3.76 -27.45 -0.01
N ASN A 94 3.34 -27.85 1.19
CA ASN A 94 1.94 -28.18 1.50
C ASN A 94 1.23 -27.03 2.25
N GLU A 95 1.81 -25.84 2.19
CA GLU A 95 1.27 -24.68 2.89
C GLU A 95 0.40 -23.96 1.88
N HIS A 96 -0.58 -23.15 2.37
N HIS A 96 -0.56 -23.13 2.38
CA HIS A 96 -1.44 -22.31 1.53
CA HIS A 96 -1.46 -22.29 1.55
C HIS A 96 -0.71 -21.01 1.24
C HIS A 96 -0.78 -20.96 1.24
N TYR A 97 -0.68 -20.66 -0.03
CA TYR A 97 -0.10 -19.40 -0.44
C TYR A 97 -1.20 -18.58 -1.08
N HIS A 98 -1.27 -17.32 -0.68
CA HIS A 98 -2.30 -16.40 -1.13
C HIS A 98 -1.65 -15.09 -1.53
N VAL A 99 -1.79 -14.71 -2.80
CA VAL A 99 -1.19 -13.49 -3.33
C VAL A 99 -2.28 -12.51 -3.83
N PRO A 100 -2.70 -11.62 -2.97
CA PRO A 100 -3.63 -10.57 -3.39
C PRO A 100 -2.95 -9.42 -4.10
N LEU A 101 -3.73 -8.74 -4.93
CA LEU A 101 -3.33 -7.53 -5.60
C LEU A 101 -4.40 -6.43 -5.33
N LEU A 102 -3.95 -5.32 -4.77
CA LEU A 102 -4.77 -4.13 -4.56
C LEU A 102 -4.34 -3.20 -5.67
N LEU A 103 -5.25 -2.96 -6.61
CA LEU A 103 -4.91 -2.35 -7.88
C LEU A 103 -5.50 -0.98 -8.10
N SER A 104 -4.66 -0.09 -8.62
CA SER A 104 -5.06 1.21 -9.14
C SER A 104 -4.30 1.37 -10.45
N GLN A 105 -4.71 2.37 -11.23
CA GLN A 105 -4.12 2.60 -12.55
C GLN A 105 -2.62 2.92 -12.48
N TYR A 106 -2.18 3.62 -11.44
CA TYR A 106 -0.81 4.10 -11.38
C TYR A 106 -0.15 3.69 -10.06
N GLY A 107 -0.73 2.67 -9.43
CA GLY A 107 -0.19 2.16 -8.16
C GLY A 107 -0.81 0.82 -7.81
N TYR A 108 -0.04 0.02 -7.09
CA TYR A 108 -0.55 -1.23 -6.54
C TYR A 108 0.23 -1.71 -5.33
N SER A 109 -0.40 -2.60 -4.57
CA SER A 109 0.21 -3.28 -3.44
C SER A 109 -0.08 -4.76 -3.56
N THR A 110 0.85 -5.55 -3.05
CA THR A 110 0.66 -6.99 -2.93
C THR A 110 1.30 -7.44 -1.66
N TYR A 111 0.92 -8.63 -1.20
CA TYR A 111 1.40 -9.16 0.05
C TYR A 111 1.13 -10.64 0.12
N ARG A 112 1.62 -11.26 1.20
CA ARG A 112 1.19 -12.59 1.51
C ARG A 112 -0.07 -12.55 2.34
N GLY A 113 -1.19 -12.94 1.74
CA GLY A 113 -2.48 -13.00 2.44
C GLY A 113 -2.64 -14.21 3.33
N SER A 114 -3.78 -14.25 3.95
CA SER A 114 -4.04 -15.27 4.97
C SER A 114 -4.37 -16.60 4.32
N ASN B 4 18.24 13.06 -16.71
CA ASN B 4 18.00 11.58 -16.59
C ASN B 4 16.56 11.28 -16.24
N ILE B 5 15.95 10.43 -17.05
CA ILE B 5 14.50 10.23 -17.03
C ILE B 5 13.99 9.18 -16.05
N LEU B 6 14.86 8.49 -15.32
CA LEU B 6 14.38 7.46 -14.42
C LEU B 6 15.07 7.50 -13.07
N SER B 7 14.28 7.70 -12.03
CA SER B 7 14.71 7.64 -10.64
C SER B 7 13.88 6.57 -9.94
N VAL B 8 14.46 5.96 -8.92
CA VAL B 8 13.73 5.04 -8.05
C VAL B 8 14.18 5.28 -6.62
N HIS B 9 13.35 4.92 -5.66
CA HIS B 9 13.81 4.86 -4.29
C HIS B 9 13.03 3.81 -3.51
N ILE B 10 13.59 3.38 -2.40
CA ILE B 10 13.01 2.32 -1.62
C ILE B 10 12.92 2.83 -0.22
N LEU B 11 11.72 2.77 0.32
CA LEU B 11 11.56 3.05 1.74
C LEU B 11 11.18 1.76 2.50
N ASN B 12 11.97 1.46 3.52
CA ASN B 12 11.77 0.30 4.39
C ASN B 12 10.69 0.67 5.39
N GLN B 13 9.51 0.10 5.20
CA GLN B 13 8.35 0.40 6.02
C GLN B 13 8.45 -0.19 7.43
N GLN B 14 9.44 -1.04 7.66
CA GLN B 14 9.67 -1.66 8.97
C GLN B 14 10.55 -0.80 9.90
N THR B 15 11.41 0.03 9.30
CA THR B 15 12.25 0.99 10.02
C THR B 15 11.83 2.46 9.82
N GLY B 16 10.97 2.75 8.85
CA GLY B 16 10.68 4.12 8.47
C GLY B 16 11.91 4.85 7.97
N LYS B 17 12.87 4.12 7.38
CA LYS B 17 14.10 4.68 6.86
C LYS B 17 14.37 4.09 5.48
N PRO B 18 15.19 4.78 4.70
CA PRO B 18 15.52 4.28 3.36
C PRO B 18 16.20 2.89 3.38
N ALA B 19 16.05 2.15 2.29
CA ALA B 19 16.75 0.89 2.11
C ALA B 19 17.98 1.16 1.28
N ALA B 20 19.15 1.13 1.91
CA ALA B 20 20.40 1.46 1.26
C ALA B 20 21.09 0.24 0.66
N ASP B 21 21.87 0.49 -0.39
CA ASP B 21 22.73 -0.51 -1.00
C ASP B 21 21.91 -1.70 -1.54
N VAL B 22 20.72 -1.41 -2.04
CA VAL B 22 19.91 -2.41 -2.71
C VAL B 22 20.19 -2.31 -4.19
N THR B 23 20.60 -3.41 -4.79
CA THR B 23 20.80 -3.47 -6.23
C THR B 23 19.47 -3.36 -6.99
N VAL B 24 19.46 -2.56 -8.05
CA VAL B 24 18.28 -2.39 -8.87
C VAL B 24 18.70 -2.48 -10.31
N THR B 25 18.09 -3.36 -11.08
CA THR B 25 18.37 -3.45 -12.51
C THR B 25 17.27 -2.75 -13.33
N LEU B 26 17.64 -2.33 -14.52
CA LEU B 26 16.70 -1.79 -15.49
C LEU B 26 16.83 -2.61 -16.75
N GLU B 27 15.70 -3.10 -17.27
CA GLU B 27 15.68 -3.82 -18.53
C GLU B 27 14.65 -3.28 -19.48
N LYS B 28 14.88 -3.49 -20.77
CA LYS B 28 13.90 -3.19 -21.81
C LYS B 28 13.29 -4.45 -22.43
N LYS B 29 12.00 -4.41 -22.71
CA LYS B 29 11.33 -5.54 -23.33
C LYS B 29 11.68 -5.58 -24.80
N ALA B 30 11.94 -6.79 -25.28
CA ALA B 30 12.27 -7.05 -26.67
C ALA B 30 11.93 -8.51 -26.97
N ASP B 31 11.12 -8.74 -28.00
CA ASP B 31 10.79 -10.11 -28.46
C ASP B 31 10.40 -11.11 -27.36
N ASN B 32 9.53 -10.72 -26.44
CA ASN B 32 9.07 -11.61 -25.36
C ASN B 32 10.13 -11.84 -24.27
N GLY B 33 11.32 -11.25 -24.43
CA GLY B 33 12.35 -11.30 -23.41
C GLY B 33 12.62 -9.91 -22.88
N TRP B 34 13.73 -9.80 -22.17
CA TRP B 34 14.15 -8.57 -21.54
C TRP B 34 15.67 -8.36 -21.70
N LEU B 35 16.07 -7.18 -22.15
CA LEU B 35 17.48 -6.81 -22.27
C LEU B 35 17.91 -5.91 -21.13
N GLN B 36 18.99 -6.27 -20.43
CA GLN B 36 19.49 -5.41 -19.37
C GLN B 36 20.09 -4.12 -19.91
N LEU B 37 19.68 -2.99 -19.36
CA LEU B 37 20.22 -1.69 -19.80
C LEU B 37 21.11 -1.06 -18.75
N ASN B 38 20.89 -1.38 -17.49
CA ASN B 38 21.72 -0.79 -16.45
C ASN B 38 21.51 -1.52 -15.14
N THR B 39 22.43 -1.30 -14.22
CA THR B 39 22.28 -1.81 -12.85
C THR B 39 22.96 -0.82 -11.91
N ALA B 40 22.38 -0.60 -10.75
CA ALA B 40 22.97 0.29 -9.76
C ALA B 40 22.49 -0.02 -8.35
N LYS B 41 23.02 0.70 -7.37
CA LYS B 41 22.71 0.47 -5.97
C LYS B 41 22.15 1.74 -5.36
N THR B 42 21.05 1.60 -4.61
CA THR B 42 20.50 2.73 -3.91
C THR B 42 21.57 3.23 -2.99
N ASP B 43 21.67 4.55 -2.92
CA ASP B 43 22.55 5.24 -2.01
C ASP B 43 22.07 5.21 -0.54
N LYS B 44 22.75 5.94 0.33
CA LYS B 44 22.40 5.97 1.75
C LYS B 44 20.98 6.52 2.01
N ASP B 45 20.45 7.28 1.05
CA ASP B 45 19.09 7.83 1.09
C ASP B 45 18.08 6.90 0.44
N GLY B 46 18.54 5.72 0.05
CA GLY B 46 17.69 4.71 -0.56
C GLY B 46 17.29 5.05 -1.96
N ARG B 47 18.02 5.97 -2.59
CA ARG B 47 17.68 6.48 -3.92
C ARG B 47 18.68 6.05 -5.00
N ILE B 48 18.18 5.89 -6.22
CA ILE B 48 19.02 5.95 -7.40
C ILE B 48 18.44 7.10 -8.23
N LYS B 49 19.10 8.26 -8.20
CA LYS B 49 18.55 9.46 -8.81
C LYS B 49 18.54 9.35 -10.34
N ALA B 50 19.55 8.65 -10.88
CA ALA B 50 19.75 8.57 -12.33
C ALA B 50 20.03 7.12 -12.72
N LEU B 51 18.96 6.35 -12.91
CA LEU B 51 19.03 4.93 -13.29
C LEU B 51 19.09 4.67 -14.82
N TRP B 52 18.61 5.59 -15.64
CA TRP B 52 18.78 5.41 -17.08
C TRP B 52 20.28 5.44 -17.43
N PRO B 53 20.73 4.52 -18.28
CA PRO B 53 22.11 4.55 -18.80
C PRO B 53 22.34 5.81 -19.67
N GLU B 54 23.57 6.10 -20.09
CA GLU B 54 23.80 7.32 -20.86
C GLU B 54 23.67 7.11 -22.33
N GLN B 55 22.50 6.61 -22.72
CA GLN B 55 22.12 6.55 -24.11
C GLN B 55 20.69 7.04 -24.15
N THR B 56 20.28 7.50 -25.31
CA THR B 56 19.00 8.16 -25.46
C THR B 56 17.86 7.16 -25.15
N ALA B 57 16.88 7.62 -24.39
CA ALA B 57 15.74 6.78 -24.08
C ALA B 57 14.84 6.65 -25.31
N THR B 58 14.27 5.45 -25.46
CA THR B 58 13.30 5.15 -26.50
C THR B 58 11.98 4.72 -25.86
N THR B 59 10.89 4.84 -26.62
CA THR B 59 9.59 4.35 -26.13
C THR B 59 9.61 2.81 -26.08
N GLY B 60 8.76 2.25 -25.24
CA GLY B 60 8.79 0.81 -25.02
C GLY B 60 8.31 0.45 -23.63
N ASP B 61 8.42 -0.82 -23.28
CA ASP B 61 8.14 -1.27 -21.94
C ASP B 61 9.42 -1.65 -21.24
N TYR B 62 9.43 -1.36 -19.96
CA TYR B 62 10.62 -1.45 -19.16
C TYR B 62 10.27 -2.07 -17.85
N ARG B 63 11.29 -2.60 -17.21
CA ARG B 63 11.13 -3.35 -15.98
C ARG B 63 12.29 -2.98 -15.08
N VAL B 64 12.00 -2.42 -13.90
CA VAL B 64 13.00 -2.27 -12.86
C VAL B 64 12.82 -3.44 -11.92
N VAL B 65 13.92 -4.04 -11.49
CA VAL B 65 13.90 -5.16 -10.57
C VAL B 65 14.72 -4.81 -9.33
N PHE B 66 14.01 -4.64 -8.23
CA PHE B 66 14.58 -4.29 -6.94
C PHE B 66 15.03 -5.59 -6.28
N LYS B 67 16.33 -5.73 -6.06
CA LYS B 67 16.87 -6.98 -5.50
C LYS B 67 16.72 -6.97 -3.98
N THR B 68 15.47 -7.03 -3.53
CA THR B 68 15.16 -6.87 -2.11
C THR B 68 15.25 -8.15 -1.29
N GLY B 69 15.10 -9.30 -1.93
CA GLY B 69 15.30 -10.55 -1.25
C GLY B 69 16.73 -10.63 -0.74
N ASP B 70 17.67 -10.17 -1.55
CA ASP B 70 19.09 -10.10 -1.16
C ASP B 70 19.30 -9.11 -0.03
N TYR B 71 18.60 -7.98 -0.08
CA TYR B 71 18.64 -6.95 0.96
C TYR B 71 18.24 -7.52 2.30
N PHE B 72 17.12 -8.25 2.33
CA PHE B 72 16.68 -8.90 3.56
C PHE B 72 17.58 -10.04 3.99
N LYS B 73 18.09 -10.83 3.05
CA LYS B 73 18.91 -11.99 3.35
C LYS B 73 20.22 -11.59 4.09
N LYS B 74 20.80 -10.46 3.67
CA LYS B 74 21.96 -9.87 4.33
C LYS B 74 21.69 -9.60 5.81
N GLN B 75 20.44 -9.29 6.16
CA GLN B 75 20.03 -9.04 7.54
C GLN B 75 19.46 -10.29 8.21
N ASN B 76 19.71 -11.48 7.68
CA ASN B 76 19.07 -12.70 8.13
C ASN B 76 17.55 -12.65 8.30
N LEU B 77 16.89 -11.94 7.38
CA LEU B 77 15.44 -11.84 7.35
C LEU B 77 14.90 -12.52 6.11
N GLU B 78 13.87 -13.34 6.30
CA GLU B 78 13.20 -13.99 5.19
C GLU B 78 12.25 -13.02 4.53
N SER B 79 12.02 -13.24 3.25
CA SER B 79 11.05 -12.44 2.52
C SER B 79 10.23 -13.35 1.62
N PHE B 80 8.95 -13.02 1.49
CA PHE B 80 8.09 -13.69 0.52
C PHE B 80 8.62 -13.54 -0.91
N PHE B 81 9.25 -12.40 -1.17
CA PHE B 81 9.67 -12.04 -2.52
C PHE B 81 11.18 -12.11 -2.68
N PRO B 82 11.67 -12.92 -3.60
CA PRO B 82 13.12 -13.01 -3.83
C PRO B 82 13.68 -11.75 -4.50
N GLU B 83 12.80 -11.05 -5.24
CA GLU B 83 13.10 -9.79 -5.90
C GLU B 83 11.74 -9.18 -6.25
N ILE B 84 11.70 -7.90 -6.59
CA ILE B 84 10.44 -7.24 -6.93
C ILE B 84 10.58 -6.56 -8.28
N PRO B 85 10.01 -7.13 -9.33
CA PRO B 85 9.97 -6.47 -10.63
C PRO B 85 8.77 -5.53 -10.70
N VAL B 86 8.96 -4.40 -11.36
CA VAL B 86 7.89 -3.48 -11.70
C VAL B 86 8.03 -3.14 -13.18
N GLU B 87 6.98 -3.44 -13.93
CA GLU B 87 6.92 -3.15 -15.36
C GLU B 87 6.10 -1.90 -15.60
N PHE B 88 6.59 -1.02 -16.48
CA PHE B 88 5.89 0.21 -16.79
C PHE B 88 6.07 0.65 -18.25
N HIS B 89 5.10 1.41 -18.78
CA HIS B 89 5.20 2.01 -20.11
C HIS B 89 6.08 3.25 -20.05
N ILE B 90 6.93 3.45 -21.05
CA ILE B 90 7.49 4.75 -21.39
C ILE B 90 6.98 5.15 -22.76
N ASN B 91 5.98 6.02 -22.79
CA ASN B 91 5.39 6.48 -24.03
C ASN B 91 6.03 7.76 -24.51
N LYS B 92 6.56 8.52 -23.56
CA LYS B 92 7.10 9.87 -23.81
C LYS B 92 8.53 9.89 -23.29
N VAL B 93 9.50 10.05 -24.18
CA VAL B 93 10.90 9.90 -23.82
C VAL B 93 11.46 11.13 -23.07
N ASN B 94 10.78 12.26 -23.18
CA ASN B 94 11.32 13.50 -22.68
C ASN B 94 10.97 13.76 -21.22
N GLU B 95 10.12 12.91 -20.63
CA GLU B 95 9.62 13.16 -19.29
C GLU B 95 10.26 12.30 -18.22
N HIS B 96 9.98 12.69 -17.00
N HIS B 96 9.95 12.67 -17.00
CA HIS B 96 10.59 12.03 -15.85
CA HIS B 96 10.57 12.06 -15.83
C HIS B 96 9.69 10.93 -15.33
C HIS B 96 9.69 10.93 -15.30
N TYR B 97 10.30 9.77 -15.08
CA TYR B 97 9.61 8.61 -14.56
C TYR B 97 10.26 8.28 -13.25
N HIS B 98 9.42 8.03 -12.27
CA HIS B 98 9.90 7.87 -10.91
C HIS B 98 9.14 6.71 -10.36
N VAL B 99 9.85 5.71 -9.85
CA VAL B 99 9.25 4.46 -9.39
C VAL B 99 9.73 4.12 -8.00
N PRO B 100 8.99 4.58 -7.00
CA PRO B 100 9.29 4.23 -5.61
C PRO B 100 8.82 2.84 -5.24
N LEU B 101 9.40 2.34 -4.16
CA LEU B 101 9.00 1.07 -3.59
C LEU B 101 8.91 1.26 -2.09
N LEU B 102 7.73 0.95 -1.56
CA LEU B 102 7.46 0.86 -0.13
C LEU B 102 7.56 -0.61 0.25
N LEU B 103 8.52 -0.95 1.10
CA LEU B 103 8.95 -2.32 1.24
C LEU B 103 8.87 -2.86 2.66
N SER B 104 8.28 -4.03 2.77
CA SER B 104 8.28 -4.88 3.95
C SER B 104 8.62 -6.30 3.49
N GLN B 105 8.92 -7.17 4.44
CA GLN B 105 9.30 -8.56 4.16
C GLN B 105 8.22 -9.32 3.41
N TYR B 106 6.95 -9.09 3.75
CA TYR B 106 5.85 -9.85 3.17
C TYR B 106 4.77 -9.02 2.49
N GLY B 107 5.13 -7.81 2.10
CA GLY B 107 4.28 -6.92 1.35
C GLY B 107 5.04 -5.73 0.79
N TYR B 108 4.51 -5.16 -0.27
CA TYR B 108 5.07 -3.93 -0.81
C TYR B 108 4.08 -3.16 -1.64
N SER B 109 4.44 -1.93 -1.96
CA SER B 109 3.61 -1.08 -2.78
C SER B 109 4.54 -0.36 -3.71
N THR B 110 4.08 -0.06 -4.92
CA THR B 110 4.85 0.72 -5.85
C THR B 110 3.85 1.54 -6.66
N TYR B 111 4.34 2.59 -7.30
CA TYR B 111 3.50 3.53 -8.00
C TYR B 111 4.36 4.44 -8.87
N ARG B 112 3.70 5.25 -9.69
CA ARG B 112 4.41 6.26 -10.43
C ARG B 112 4.44 7.47 -9.51
N GLY B 113 5.63 7.85 -9.08
CA GLY B 113 5.85 9.02 -8.26
C GLY B 113 6.00 10.29 -9.07
N SER B 114 6.18 11.32 -8.28
CA SER B 114 6.20 12.66 -8.83
C SER B 114 7.58 13.05 -9.36
N GLN C 3 -23.57 -12.26 5.85
CA GLN C 3 -22.31 -11.44 5.97
C GLN C 3 -22.53 -10.12 6.75
N ASN C 4 -21.61 -9.82 7.68
CA ASN C 4 -21.87 -8.82 8.75
C ASN C 4 -21.68 -7.42 8.25
N ILE C 5 -22.42 -6.46 8.80
CA ILE C 5 -22.22 -5.06 8.42
C ILE C 5 -20.73 -4.66 8.51
N LEU C 6 -19.99 -5.11 9.53
CA LEU C 6 -18.59 -4.66 9.72
C LEU C 6 -17.63 -5.75 10.20
N SER C 7 -16.64 -6.04 9.34
CA SER C 7 -15.54 -6.94 9.67
C SER C 7 -14.24 -6.20 9.48
N VAL C 8 -13.27 -6.51 10.32
CA VAL C 8 -11.91 -6.01 10.10
C VAL C 8 -10.93 -7.14 10.28
N HIS C 9 -9.78 -7.02 9.62
CA HIS C 9 -8.67 -7.88 9.94
C HIS C 9 -7.36 -7.12 9.75
N ILE C 10 -6.29 -7.67 10.31
CA ILE C 10 -4.98 -7.08 10.27
C ILE C 10 -4.00 -8.13 9.79
N LEU C 11 -3.14 -7.76 8.85
CA LEU C 11 -2.01 -8.60 8.44
C LEU C 11 -0.72 -7.87 8.79
N ASN C 12 0.15 -8.55 9.53
CA ASN C 12 1.48 -8.03 9.84
C ASN C 12 2.33 -8.30 8.61
N GLN C 13 2.63 -7.25 7.83
CA GLN C 13 3.45 -7.36 6.63
C GLN C 13 4.92 -7.66 6.89
N GLN C 14 5.34 -7.66 8.14
CA GLN C 14 6.71 -7.97 8.50
C GLN C 14 6.92 -9.47 8.76
N THR C 15 5.86 -10.15 9.19
CA THR C 15 5.87 -11.59 9.44
C THR C 15 5.09 -12.35 8.34
N GLY C 16 4.27 -11.64 7.58
CA GLY C 16 3.37 -12.28 6.64
C GLY C 16 2.34 -13.17 7.31
N LYS C 17 2.04 -12.84 8.56
CA LYS C 17 1.09 -13.58 9.37
C LYS C 17 0.12 -12.60 10.04
N PRO C 18 -1.04 -13.09 10.46
CA PRO C 18 -2.03 -12.18 11.05
C PRO C 18 -1.59 -11.55 12.37
N ALA C 19 -2.04 -10.32 12.64
CA ALA C 19 -1.74 -9.64 13.89
C ALA C 19 -2.85 -9.95 14.87
N ALA C 20 -2.49 -10.71 15.90
CA ALA C 20 -3.43 -11.31 16.86
C ALA C 20 -3.49 -10.54 18.18
N ASP C 21 -4.66 -10.60 18.81
CA ASP C 21 -4.90 -9.99 20.11
C ASP C 21 -4.74 -8.46 20.04
N VAL C 22 -5.13 -7.86 18.92
CA VAL C 22 -5.01 -6.43 18.73
C VAL C 22 -6.38 -5.82 19.05
N THR C 23 -6.41 -4.90 20.00
CA THR C 23 -7.66 -4.21 20.32
C THR C 23 -8.11 -3.33 19.15
N VAL C 24 -9.39 -3.44 18.80
CA VAL C 24 -10.01 -2.57 17.80
C VAL C 24 -11.33 -1.99 18.32
N THR C 25 -11.45 -0.66 18.31
CA THR C 25 -12.71 -0.01 18.68
C THR C 25 -13.47 0.44 17.44
N LEU C 26 -14.77 0.62 17.64
CA LEU C 26 -15.68 1.14 16.64
C LEU C 26 -16.42 2.31 17.24
N GLU C 27 -16.48 3.41 16.48
CA GLU C 27 -17.16 4.64 16.88
C GLU C 27 -18.01 5.18 15.74
N LYS C 28 -19.07 5.90 16.10
CA LYS C 28 -19.92 6.62 15.16
C LYS C 28 -19.73 8.12 15.38
N LYS C 29 -19.75 8.88 14.29
CA LYS C 29 -19.69 10.34 14.36
C LYS C 29 -21.07 10.83 14.75
N ALA C 30 -21.35 10.90 16.05
CA ALA C 30 -22.64 11.40 16.54
C ALA C 30 -22.56 12.93 16.62
N ASP C 31 -23.70 13.58 16.81
CA ASP C 31 -23.76 15.04 16.96
C ASP C 31 -22.84 15.60 18.07
N ASN C 32 -22.78 14.90 19.21
CA ASN C 32 -22.01 15.35 20.40
C ASN C 32 -20.53 14.91 20.38
N GLY C 33 -20.05 14.41 19.25
CA GLY C 33 -18.69 13.94 19.13
C GLY C 33 -18.67 12.47 18.73
N TRP C 34 -17.51 11.87 18.70
CA TRP C 34 -17.38 10.45 18.39
C TRP C 34 -17.85 9.59 19.57
N LEU C 35 -18.63 8.56 19.25
CA LEU C 35 -19.36 7.77 20.24
C LEU C 35 -18.97 6.32 20.13
N GLN C 36 -18.44 5.74 21.20
CA GLN C 36 -17.98 4.36 21.11
C GLN C 36 -19.19 3.43 21.06
N LEU C 37 -19.12 2.49 20.11
CA LEU C 37 -20.17 1.51 19.88
C LEU C 37 -19.71 0.12 20.33
N ASN C 38 -18.46 -0.21 20.06
CA ASN C 38 -17.95 -1.52 20.42
C ASN C 38 -16.44 -1.51 20.51
N THR C 39 -15.93 -2.48 21.25
CA THR C 39 -14.51 -2.77 21.29
C THR C 39 -14.33 -4.27 21.25
N ALA C 40 -13.26 -4.73 20.63
CA ALA C 40 -13.02 -6.16 20.45
C ALA C 40 -11.58 -6.45 20.04
N LYS C 41 -11.23 -7.72 20.03
CA LYS C 41 -9.87 -8.14 19.79
C LYS C 41 -9.79 -9.12 18.64
N THR C 42 -8.83 -8.90 17.75
CA THR C 42 -8.59 -9.88 16.70
C THR C 42 -8.24 -11.22 17.35
N ASP C 43 -8.83 -12.28 16.82
CA ASP C 43 -8.52 -13.64 17.23
C ASP C 43 -7.13 -14.02 16.69
N LYS C 44 -6.78 -15.30 16.75
CA LYS C 44 -5.50 -15.77 16.21
C LYS C 44 -5.26 -15.43 14.70
N ASP C 45 -6.33 -15.25 13.94
CA ASP C 45 -6.27 -15.03 12.49
C ASP C 45 -6.21 -13.58 12.14
N GLY C 46 -6.00 -12.75 13.14
CA GLY C 46 -6.00 -11.34 12.97
C GLY C 46 -7.36 -10.76 12.56
N ARG C 47 -8.45 -11.43 12.91
CA ARG C 47 -9.77 -11.08 12.41
C ARG C 47 -10.76 -10.68 13.51
N ILE C 48 -11.60 -9.70 13.23
CA ILE C 48 -12.88 -9.53 13.93
C ILE C 48 -14.02 -9.59 12.88
N LYS C 49 -14.67 -10.73 12.76
CA LYS C 49 -15.65 -11.00 11.67
C LYS C 49 -17.05 -10.37 11.86
N ALA C 50 -17.39 -10.08 13.12
CA ALA C 50 -18.52 -9.18 13.44
C ALA C 50 -18.11 -8.14 14.51
N LEU C 51 -17.84 -6.91 14.07
CA LEU C 51 -17.46 -5.83 14.98
C LEU C 51 -18.64 -4.94 15.36
N TRP C 52 -19.75 -5.04 14.63
CA TRP C 52 -20.92 -4.25 14.99
C TRP C 52 -21.49 -4.78 16.31
N PRO C 53 -21.97 -3.89 17.17
CA PRO C 53 -22.68 -4.31 18.38
C PRO C 53 -24.05 -4.88 18.08
N GLU C 54 -24.89 -5.06 19.11
CA GLU C 54 -26.23 -5.62 18.94
C GLU C 54 -27.33 -4.57 18.65
N GLN C 55 -26.98 -3.44 18.02
CA GLN C 55 -27.99 -2.41 17.68
C GLN C 55 -28.02 -2.12 16.17
N THR C 56 -29.21 -1.84 15.67
CA THR C 56 -29.44 -1.54 14.25
C THR C 56 -28.50 -0.43 13.75
N ALA C 57 -27.95 -0.62 12.57
CA ALA C 57 -27.07 0.36 11.96
C ALA C 57 -27.86 1.42 11.23
N THR C 58 -27.41 2.67 11.35
CA THR C 58 -27.90 3.76 10.53
C THR C 58 -26.77 4.20 9.60
N THR C 59 -27.12 4.84 8.49
CA THR C 59 -26.12 5.50 7.66
C THR C 59 -25.37 6.53 8.51
N GLY C 60 -24.22 6.98 8.02
CA GLY C 60 -23.40 7.94 8.74
C GLY C 60 -21.93 7.62 8.60
N ASP C 61 -21.11 8.41 9.29
CA ASP C 61 -19.68 8.25 9.33
C ASP C 61 -19.25 7.51 10.59
N TYR C 62 -18.25 6.66 10.43
CA TYR C 62 -17.77 5.75 11.46
C TYR C 62 -16.26 5.73 11.48
N ARG C 63 -15.68 5.20 12.54
CA ARG C 63 -14.28 4.92 12.53
C ARG C 63 -13.89 3.76 13.43
N VAL C 64 -13.02 2.93 12.87
CA VAL C 64 -12.38 1.88 13.61
C VAL C 64 -10.98 2.40 13.97
N VAL C 65 -10.52 2.06 15.17
CA VAL C 65 -9.20 2.40 15.61
C VAL C 65 -8.51 1.12 16.03
N PHE C 66 -7.52 0.74 15.23
CA PHE C 66 -6.67 -0.39 15.49
C PHE C 66 -5.58 0.07 16.43
N LYS C 67 -5.55 -0.49 17.64
CA LYS C 67 -4.58 -0.15 18.67
C LYS C 67 -3.27 -0.88 18.41
N THR C 68 -2.60 -0.50 17.31
CA THR C 68 -1.39 -1.19 16.84
C THR C 68 -0.12 -0.78 17.57
N GLY C 69 -0.11 0.42 18.17
CA GLY C 69 1.00 0.87 18.98
C GLY C 69 1.27 -0.06 20.15
N ASP C 70 0.19 -0.40 20.86
CA ASP C 70 0.19 -1.43 21.90
C ASP C 70 0.70 -2.78 21.38
N TYR C 71 0.24 -3.15 20.19
CA TYR C 71 0.60 -4.44 19.62
C TYR C 71 2.11 -4.53 19.45
N PHE C 72 2.70 -3.49 18.87
CA PHE C 72 4.14 -3.47 18.67
C PHE C 72 4.91 -3.31 20.01
N LYS C 73 4.32 -2.57 20.94
CA LYS C 73 4.96 -2.25 22.21
C LYS C 73 5.16 -3.54 23.03
N LYS C 74 4.25 -4.50 22.87
CA LYS C 74 4.33 -5.79 23.52
C LYS C 74 5.51 -6.62 23.01
N GLN C 75 5.93 -6.35 21.77
CA GLN C 75 7.09 -7.02 21.16
C GLN C 75 8.40 -6.23 21.33
N ASN C 76 8.41 -5.23 22.22
CA ASN C 76 9.53 -4.28 22.31
C ASN C 76 9.92 -3.66 20.94
N LEU C 77 8.92 -3.42 20.09
CA LEU C 77 9.12 -2.77 18.80
C LEU C 77 8.45 -1.39 18.81
N GLU C 78 9.16 -0.41 18.27
CA GLU C 78 8.63 0.92 18.07
C GLU C 78 7.76 0.96 16.82
N SER C 79 6.84 1.91 16.80
CA SER C 79 6.02 2.20 15.64
C SER C 79 5.82 3.70 15.53
N PHE C 80 5.74 4.18 14.30
CA PHE C 80 5.40 5.57 14.03
C PHE C 80 4.04 6.02 14.59
N PHE C 81 3.10 5.09 14.65
CA PHE C 81 1.71 5.36 14.97
C PHE C 81 1.38 4.85 16.37
N PRO C 82 0.86 5.71 17.24
CA PRO C 82 0.32 5.21 18.51
C PRO C 82 -0.88 4.28 18.31
N GLU C 83 -1.67 4.59 17.28
CA GLU C 83 -2.84 3.82 16.89
C GLU C 83 -3.18 4.24 15.46
N ILE C 84 -4.07 3.49 14.82
CA ILE C 84 -4.44 3.76 13.45
C ILE C 84 -5.95 3.87 13.32
N PRO C 85 -6.45 5.10 13.26
CA PRO C 85 -7.88 5.31 12.99
C PRO C 85 -8.11 5.19 11.49
N VAL C 86 -9.22 4.58 11.12
CA VAL C 86 -9.67 4.58 9.75
C VAL C 86 -11.14 5.01 9.77
N GLU C 87 -11.41 6.10 9.05
CA GLU C 87 -12.74 6.69 8.95
C GLU C 87 -13.41 6.29 7.66
N PHE C 88 -14.71 6.02 7.70
CA PHE C 88 -15.43 5.63 6.50
C PHE C 88 -16.92 5.93 6.56
N HIS C 89 -17.59 5.98 5.40
CA HIS C 89 -19.02 6.18 5.28
C HIS C 89 -19.73 4.81 5.20
N ILE C 90 -20.86 4.70 5.89
CA ILE C 90 -21.83 3.65 5.60
C ILE C 90 -23.03 4.34 4.96
N ASN C 91 -23.16 4.20 3.65
CA ASN C 91 -24.25 4.84 2.92
C ASN C 91 -25.47 3.90 2.73
N LYS C 92 -25.24 2.58 2.83
CA LYS C 92 -26.29 1.56 2.67
C LYS C 92 -26.22 0.55 3.82
N VAL C 93 -27.19 0.55 4.73
CA VAL C 93 -27.11 -0.28 5.93
C VAL C 93 -27.19 -1.80 5.69
N ASN C 94 -27.80 -2.22 4.56
CA ASN C 94 -27.86 -3.65 4.20
C ASN C 94 -26.65 -4.13 3.38
N GLU C 95 -25.54 -3.40 3.45
CA GLU C 95 -24.32 -3.80 2.80
C GLU C 95 -23.32 -4.29 3.84
N HIS C 96 -22.29 -4.94 3.33
CA HIS C 96 -21.22 -5.50 4.14
C HIS C 96 -19.99 -4.65 3.95
N TYR C 97 -19.44 -4.18 5.06
CA TYR C 97 -18.26 -3.32 5.08
C TYR C 97 -17.11 -4.10 5.70
N HIS C 98 -15.98 -4.12 5.02
CA HIS C 98 -14.82 -4.90 5.44
C HIS C 98 -13.61 -3.99 5.32
N VAL C 99 -12.93 -3.77 6.44
CA VAL C 99 -11.80 -2.86 6.49
C VAL C 99 -10.54 -3.56 6.98
N PRO C 100 -9.81 -4.17 6.06
CA PRO C 100 -8.48 -4.71 6.35
C PRO C 100 -7.43 -3.64 6.64
N LEU C 101 -6.43 -4.06 7.39
CA LEU C 101 -5.27 -3.25 7.69
C LEU C 101 -4.02 -4.09 7.36
N LEU C 102 -3.18 -3.57 6.46
CA LEU C 102 -1.87 -4.13 6.19
C LEU C 102 -0.84 -3.30 6.95
N LEU C 103 -0.18 -3.92 7.91
CA LEU C 103 0.50 -3.20 8.94
C LEU C 103 2.01 -3.46 8.96
N SER C 104 2.76 -2.36 9.02
CA SER C 104 4.19 -2.37 9.26
C SER C 104 4.43 -1.34 10.36
N GLN C 105 5.61 -1.35 10.96
CA GLN C 105 5.93 -0.44 12.05
C GLN C 105 5.83 1.01 11.65
N TYR C 106 6.23 1.32 10.42
CA TYR C 106 6.30 2.69 9.91
C TYR C 106 5.47 2.90 8.64
N GLY C 107 4.50 2.05 8.43
CA GLY C 107 3.69 2.13 7.23
C GLY C 107 2.48 1.22 7.31
N TYR C 108 1.40 1.64 6.68
CA TYR C 108 0.23 0.79 6.58
C TYR C 108 -0.65 1.14 5.39
N SER C 109 -1.46 0.18 5.01
CA SER C 109 -2.44 0.33 3.96
C SER C 109 -3.79 -0.13 4.45
N THR C 110 -4.83 0.49 3.92
CA THR C 110 -6.16 0.06 4.21
C THR C 110 -7.09 0.33 3.05
N TYR C 111 -8.20 -0.38 3.03
CA TYR C 111 -9.10 -0.31 1.89
C TYR C 111 -10.42 -0.90 2.23
N ARG C 112 -11.38 -0.72 1.33
CA ARG C 112 -12.64 -1.42 1.46
C ARG C 112 -12.51 -2.76 0.75
N GLY C 113 -12.51 -3.82 1.54
CA GLY C 113 -12.46 -5.17 1.03
C GLY C 113 -13.85 -5.69 0.70
N SER C 114 -13.91 -6.97 0.42
CA SER C 114 -15.14 -7.59 -0.04
C SER C 114 -15.80 -8.43 1.05
N GLN D 3 14.65 22.41 6.04
CA GLN D 3 13.41 21.57 5.95
C GLN D 3 12.53 21.67 7.22
N ASN D 4 11.22 21.84 7.02
CA ASN D 4 10.24 22.04 8.11
C ASN D 4 10.08 20.74 8.90
N ILE D 5 9.71 20.83 10.16
CA ILE D 5 9.54 19.62 10.96
C ILE D 5 8.53 18.66 10.32
N LEU D 6 7.48 19.19 9.69
CA LEU D 6 6.43 18.33 9.12
C LEU D 6 6.10 18.68 7.69
N SER D 7 6.28 17.70 6.80
CA SER D 7 5.83 17.75 5.42
C SER D 7 4.81 16.67 5.17
N VAL D 8 3.86 16.95 4.29
CA VAL D 8 2.94 15.96 3.77
C VAL D 8 2.78 16.13 2.27
N HIS D 9 2.47 15.05 1.58
CA HIS D 9 2.03 15.15 0.21
C HIS D 9 1.10 14.02 -0.14
N ILE D 10 0.37 14.19 -1.25
CA ILE D 10 -0.64 13.23 -1.68
C ILE D 10 -0.40 12.92 -3.13
N LEU D 11 -0.30 11.63 -3.42
CA LEU D 11 -0.28 11.13 -4.78
C LEU D 11 -1.58 10.39 -5.08
N ASN D 12 -2.24 10.82 -6.14
CA ASN D 12 -3.45 10.17 -6.62
C ASN D 12 -3.03 9.01 -7.53
N GLN D 13 -3.23 7.81 -7.02
CA GLN D 13 -2.87 6.57 -7.72
C GLN D 13 -3.77 6.23 -8.88
N GLN D 14 -4.86 6.95 -9.04
CA GLN D 14 -5.79 6.75 -10.12
C GLN D 14 -5.40 7.55 -11.36
N THR D 15 -4.79 8.71 -11.15
CA THR D 15 -4.25 9.56 -12.23
C THR D 15 -2.72 9.48 -12.33
N GLY D 16 -2.05 8.97 -11.31
CA GLY D 16 -0.59 8.96 -11.25
C GLY D 16 0.02 10.35 -11.18
N LYS D 17 -0.74 11.29 -10.63
CA LYS D 17 -0.32 12.68 -10.47
C LYS D 17 -0.61 13.15 -9.05
N PRO D 18 -0.07 14.29 -8.63
CA PRO D 18 -0.33 14.79 -7.28
C PRO D 18 -1.79 15.21 -7.10
N ALA D 19 -2.31 15.07 -5.88
CA ALA D 19 -3.64 15.59 -5.52
C ALA D 19 -3.49 17.02 -5.01
N ALA D 20 -3.89 17.96 -5.88
CA ALA D 20 -3.80 19.39 -5.67
C ALA D 20 -5.00 19.94 -4.91
N ASP D 21 -4.76 21.00 -4.15
CA ASP D 21 -5.82 21.74 -3.46
C ASP D 21 -6.66 20.83 -2.53
N VAL D 22 -5.97 19.98 -1.79
CA VAL D 22 -6.63 19.18 -0.76
C VAL D 22 -6.30 19.82 0.58
N THR D 23 -7.35 20.14 1.35
CA THR D 23 -7.17 20.69 2.68
C THR D 23 -6.57 19.61 3.60
N VAL D 24 -5.63 20.01 4.44
CA VAL D 24 -5.01 19.11 5.41
C VAL D 24 -4.87 19.84 6.74
N THR D 25 -5.39 19.22 7.82
CA THR D 25 -5.27 19.82 9.12
C THR D 25 -4.22 19.09 9.92
N LEU D 26 -3.70 19.80 10.90
CA LEU D 26 -2.76 19.30 11.87
C LEU D 26 -3.30 19.55 13.25
N GLU D 27 -3.28 18.51 14.08
CA GLU D 27 -3.87 18.58 15.39
C GLU D 27 -2.92 17.92 16.35
N LYS D 28 -2.96 18.40 17.60
CA LYS D 28 -2.12 17.91 18.67
C LYS D 28 -3.02 17.24 19.69
N LYS D 29 -2.63 16.06 20.15
CA LYS D 29 -3.38 15.39 21.20
C LYS D 29 -3.23 16.14 22.51
N ALA D 30 -4.35 16.33 23.19
CA ALA D 30 -4.39 16.97 24.51
C ALA D 30 -5.61 16.45 25.26
N ASP D 31 -5.36 15.93 26.44
CA ASP D 31 -6.39 15.37 27.31
C ASP D 31 -7.06 14.29 26.49
N ASN D 32 -8.37 14.25 26.41
CA ASN D 32 -8.91 13.14 25.64
C ASN D 32 -9.19 13.47 24.17
N GLY D 33 -8.81 14.69 23.76
CA GLY D 33 -9.13 15.21 22.45
C GLY D 33 -7.92 15.72 21.72
N TRP D 34 -8.17 16.69 20.83
CA TRP D 34 -7.22 17.19 19.86
C TRP D 34 -7.38 18.67 19.67
N LEU D 35 -6.28 19.43 19.69
CA LEU D 35 -6.27 20.87 19.41
C LEU D 35 -5.74 21.10 18.00
N GLN D 36 -6.44 21.87 17.16
CA GLN D 36 -5.93 22.16 15.83
C GLN D 36 -4.81 23.18 15.90
N LEU D 37 -3.68 22.88 15.26
CA LEU D 37 -2.56 23.80 15.21
C LEU D 37 -2.50 24.51 13.87
N ASN D 38 -2.99 23.88 12.81
CA ASN D 38 -2.90 24.47 11.48
C ASN D 38 -3.83 23.81 10.47
N THR D 39 -4.11 24.55 9.42
CA THR D 39 -4.74 24.00 8.24
C THR D 39 -4.09 24.63 7.00
N ALA D 40 -3.91 23.84 5.97
CA ALA D 40 -3.32 24.31 4.74
C ALA D 40 -3.90 23.46 3.62
N LYS D 41 -3.50 23.77 2.38
CA LYS D 41 -3.95 23.02 1.22
C LYS D 41 -2.73 22.58 0.44
N THR D 42 -2.74 21.36 -0.07
CA THR D 42 -1.64 20.92 -0.94
C THR D 42 -1.53 21.84 -2.15
N ASP D 43 -0.29 22.10 -2.55
CA ASP D 43 0.01 22.96 -3.71
C ASP D 43 -0.21 22.19 -5.00
N LYS D 44 0.24 22.74 -6.13
CA LYS D 44 0.03 22.11 -7.44
C LYS D 44 0.74 20.79 -7.62
N ASP D 45 1.82 20.58 -6.86
CA ASP D 45 2.55 19.31 -6.80
C ASP D 45 2.08 18.37 -5.70
N GLY D 46 0.90 18.64 -5.17
CA GLY D 46 0.31 17.80 -4.15
C GLY D 46 0.99 17.90 -2.80
N ARG D 47 1.80 18.95 -2.59
CA ARG D 47 2.64 19.07 -1.39
C ARG D 47 2.18 20.13 -0.40
N ILE D 48 2.46 19.89 0.87
CA ILE D 48 2.58 20.96 1.83
C ILE D 48 3.94 20.72 2.47
N LYS D 49 4.95 21.44 1.99
CA LYS D 49 6.32 21.24 2.45
C LYS D 49 6.52 21.61 3.91
N ALA D 50 5.70 22.55 4.38
CA ALA D 50 5.82 23.04 5.74
C ALA D 50 4.44 23.20 6.39
N LEU D 51 3.99 22.15 7.07
CA LEU D 51 2.66 22.09 7.68
C LEU D 51 2.65 22.58 9.12
N TRP D 52 3.82 22.58 9.77
CA TRP D 52 3.90 23.08 11.12
C TRP D 52 3.75 24.60 11.11
N PRO D 53 2.93 25.14 12.01
CA PRO D 53 2.79 26.61 12.11
C PRO D 53 4.05 27.19 12.70
N GLU D 54 4.13 28.52 12.72
CA GLU D 54 5.32 29.22 13.20
C GLU D 54 5.26 29.31 14.72
N GLN D 55 5.55 28.18 15.33
CA GLN D 55 5.34 27.97 16.73
C GLN D 55 6.17 26.74 17.02
N THR D 56 6.91 26.77 18.11
CA THR D 56 7.85 25.71 18.42
C THR D 56 7.12 24.39 18.62
N ALA D 57 7.61 23.35 17.94
CA ALA D 57 7.04 22.03 18.08
C ALA D 57 7.49 21.39 19.38
N THR D 58 6.55 20.73 20.06
CA THR D 58 6.81 19.97 21.29
C THR D 58 6.61 18.48 20.98
N THR D 59 7.22 17.61 21.77
CA THR D 59 6.96 16.19 21.60
C THR D 59 5.48 15.93 21.94
N GLY D 60 4.96 14.81 21.43
CA GLY D 60 3.57 14.43 21.62
C GLY D 60 3.05 13.63 20.45
N ASP D 61 1.75 13.40 20.46
CA ASP D 61 1.09 12.72 19.37
C ASP D 61 0.33 13.74 18.60
N TYR D 62 0.31 13.52 17.30
CA TYR D 62 -0.26 14.45 16.35
C TYR D 62 -1.10 13.67 15.36
N ARG D 63 -1.99 14.37 14.72
CA ARG D 63 -2.90 13.81 13.74
C ARG D 63 -2.91 14.78 12.60
N VAL D 64 -2.61 14.28 11.40
CA VAL D 64 -2.89 15.00 10.17
C VAL D 64 -4.19 14.46 9.59
N VAL D 65 -5.05 15.35 9.11
CA VAL D 65 -6.28 14.89 8.49
C VAL D 65 -6.36 15.38 7.08
N PHE D 66 -6.26 14.43 6.14
CA PHE D 66 -6.34 14.72 4.74
C PHE D 66 -7.82 14.74 4.34
N LYS D 67 -8.31 15.89 3.87
CA LYS D 67 -9.71 16.03 3.54
C LYS D 67 -9.99 15.52 2.12
N THR D 68 -9.79 14.21 1.95
CA THR D 68 -9.84 13.59 0.64
C THR D 68 -11.24 13.36 0.13
N GLY D 69 -12.20 13.22 1.05
CA GLY D 69 -13.60 13.12 0.67
C GLY D 69 -14.08 14.30 -0.16
N ASP D 70 -13.72 15.50 0.28
CA ASP D 70 -14.07 16.73 -0.44
C ASP D 70 -13.35 16.76 -1.78
N TYR D 71 -12.08 16.34 -1.77
CA TYR D 71 -11.28 16.28 -2.99
C TYR D 71 -11.99 15.46 -4.08
N PHE D 72 -12.41 14.25 -3.70
CA PHE D 72 -13.12 13.37 -4.62
C PHE D 72 -14.53 13.90 -4.98
N LYS D 73 -15.17 14.55 -4.01
CA LYS D 73 -16.51 15.08 -4.20
C LYS D 73 -16.55 16.17 -5.28
N LYS D 74 -15.51 17.02 -5.35
CA LYS D 74 -15.42 18.08 -6.35
C LYS D 74 -15.32 17.51 -7.78
N GLN D 75 -14.76 16.30 -7.90
CA GLN D 75 -14.67 15.57 -9.17
C GLN D 75 -15.92 14.65 -9.50
N ASN D 76 -17.02 14.78 -8.75
CA ASN D 76 -18.15 13.84 -8.83
C ASN D 76 -17.73 12.37 -8.63
N LEU D 77 -16.79 12.13 -7.70
CA LEU D 77 -16.33 10.78 -7.38
C LEU D 77 -16.67 10.45 -5.95
N GLU D 78 -17.21 9.26 -5.75
CA GLU D 78 -17.45 8.74 -4.42
C GLU D 78 -16.16 8.17 -3.84
N SER D 79 -16.06 8.22 -2.51
CA SER D 79 -14.96 7.60 -1.79
C SER D 79 -15.47 6.99 -0.49
N PHE D 80 -14.83 5.89 -0.10
CA PHE D 80 -15.16 5.19 1.11
C PHE D 80 -14.87 6.03 2.35
N PHE D 81 -13.91 6.97 2.27
CA PHE D 81 -13.46 7.72 3.42
C PHE D 81 -13.89 9.18 3.32
N PRO D 82 -14.66 9.67 4.28
CA PRO D 82 -14.99 11.10 4.28
C PRO D 82 -13.73 11.97 4.39
N GLU D 83 -12.75 11.43 5.11
CA GLU D 83 -11.46 12.05 5.32
C GLU D 83 -10.52 10.96 5.79
N ILE D 84 -9.23 11.24 5.81
CA ILE D 84 -8.23 10.27 6.22
C ILE D 84 -7.35 10.85 7.32
N PRO D 85 -7.55 10.40 8.56
CA PRO D 85 -6.67 10.79 9.65
C PRO D 85 -5.47 9.86 9.71
N VAL D 86 -4.31 10.41 10.06
CA VAL D 86 -3.10 9.65 10.30
C VAL D 86 -2.51 10.19 11.61
N GLU D 87 -2.39 9.31 12.60
CA GLU D 87 -1.86 9.66 13.89
C GLU D 87 -0.42 9.17 13.99
N PHE D 88 0.45 9.98 14.55
CA PHE D 88 1.84 9.58 14.73
C PHE D 88 2.53 10.23 15.92
N HIS D 89 3.60 9.58 16.39
CA HIS D 89 4.40 10.11 17.50
C HIS D 89 5.37 11.14 16.92
N ILE D 90 5.55 12.27 17.58
CA ILE D 90 6.76 13.06 17.45
C ILE D 90 7.50 12.93 18.77
N ASN D 91 8.53 12.09 18.78
CA ASN D 91 9.33 11.85 19.98
C ASN D 91 10.66 12.63 19.98
N LYS D 92 10.95 13.31 18.86
CA LYS D 92 12.21 14.01 18.64
C LYS D 92 11.98 15.26 17.78
N VAL D 93 11.99 16.44 18.40
CA VAL D 93 11.60 17.67 17.70
C VAL D 93 12.72 18.21 16.80
N ASN D 94 13.93 17.70 17.00
CA ASN D 94 15.07 17.95 16.09
C ASN D 94 14.94 17.31 14.69
N GLU D 95 14.07 16.32 14.53
CA GLU D 95 14.01 15.52 13.31
C GLU D 95 12.95 16.01 12.32
N HIS D 96 13.01 15.48 11.09
N HIS D 96 13.05 15.55 11.07
CA HIS D 96 12.12 15.86 10.00
CA HIS D 96 12.07 15.88 10.04
C HIS D 96 11.06 14.75 9.78
C HIS D 96 11.06 14.75 9.89
N TYR D 97 9.77 15.09 9.89
CA TYR D 97 8.69 14.13 9.77
C TYR D 97 7.99 14.33 8.45
N HIS D 98 7.87 13.26 7.69
CA HIS D 98 7.28 13.32 6.37
C HIS D 98 6.22 12.25 6.27
N VAL D 99 5.00 12.64 5.92
CA VAL D 99 3.86 11.76 5.92
C VAL D 99 3.12 11.86 4.60
N PRO D 100 3.56 11.08 3.61
CA PRO D 100 2.84 11.02 2.33
C PRO D 100 1.58 10.20 2.44
N LEU D 101 0.67 10.46 1.52
CA LEU D 101 -0.53 9.67 1.37
C LEU D 101 -0.61 9.20 -0.08
N LEU D 102 -0.73 7.89 -0.28
CA LEU D 102 -0.98 7.32 -1.59
C LEU D 102 -2.47 7.00 -1.64
N LEU D 103 -3.19 7.68 -2.53
CA LEU D 103 -4.64 7.75 -2.45
C LEU D 103 -5.38 7.18 -3.64
N SER D 104 -6.35 6.33 -3.32
CA SER D 104 -7.39 5.91 -4.23
C SER D 104 -8.75 6.15 -3.58
N GLN D 105 -9.82 6.03 -4.36
CA GLN D 105 -11.18 6.21 -3.80
C GLN D 105 -11.53 5.25 -2.67
N TYR D 106 -11.10 3.99 -2.76
CA TYR D 106 -11.47 2.97 -1.78
C TYR D 106 -10.24 2.31 -1.15
N GLY D 107 -9.12 3.00 -1.21
CA GLY D 107 -7.89 2.48 -0.62
C GLY D 107 -6.82 3.54 -0.48
N TYR D 108 -5.97 3.36 0.53
CA TYR D 108 -4.82 4.23 0.69
C TYR D 108 -3.70 3.63 1.49
N SER D 109 -2.54 4.27 1.36
CA SER D 109 -1.34 3.87 2.06
C SER D 109 -0.70 5.12 2.62
N THR D 110 -0.09 5.00 3.78
CA THR D 110 0.64 6.07 4.38
C THR D 110 1.81 5.48 5.14
N TYR D 111 2.81 6.32 5.37
CA TYR D 111 4.04 5.82 5.94
C TYR D 111 4.89 7.01 6.37
N ARG D 112 5.94 6.74 7.12
CA ARG D 112 6.91 7.77 7.40
C ARG D 112 7.92 7.79 6.25
N GLY D 113 7.95 8.87 5.49
CA GLY D 113 8.93 9.07 4.42
C GLY D 113 10.21 9.70 4.94
N SER D 114 11.07 10.13 4.01
CA SER D 114 12.38 10.67 4.36
C SER D 114 12.43 12.22 4.24
ZN ZN E . -8.02 -13.98 -1.79
ZN ZN F . -6.16 -17.60 0.74
ZN ZN G . -4.25 -19.33 3.82
ZN ZN H . 13.11 -18.89 -3.38
BR BR I . -8.63 -15.77 -3.49
S SO4 J . 11.73 -13.24 -18.36
O1 SO4 J . 12.15 -13.06 -19.75
O2 SO4 J . 12.80 -12.81 -17.46
O3 SO4 J . 10.51 -12.49 -18.10
O4 SO4 J . 11.40 -14.65 -18.20
S SO4 K . -6.30 -11.25 2.83
O1 SO4 K . -5.86 -12.21 1.84
O2 SO4 K . -5.86 -9.90 2.54
O3 SO4 K . -7.76 -11.23 2.87
O4 SO4 K . -5.73 -11.65 4.12
ZN ZN L . 12.43 9.11 -5.30
ZN ZN M . 10.99 11.94 -9.38
ZN ZN N . 9.31 13.36 -11.56
ZN ZN O . 3.97 0.10 -23.29
BR BR P . 14.76 8.95 -6.18
S SO4 Q . 7.26 10.39 -4.54
O1 SO4 Q . 8.23 9.88 -5.51
O2 SO4 Q . 6.00 10.73 -5.21
O3 SO4 Q . 7.01 9.42 -3.48
O4 SO4 Q . 7.81 11.60 -3.92
ZN ZN R . -11.13 -9.95 7.25
ZN ZN S . -15.55 -9.08 3.87
ZN ZN T . -20.92 9.78 5.15
BR BR U . -12.32 -10.42 9.39
S SO4 V . -11.94 13.02 18.55
O1 SO4 V . -12.17 13.73 17.29
O2 SO4 V . -10.74 12.22 18.42
O3 SO4 V . -11.82 13.97 19.66
O4 SO4 V . -13.06 12.16 18.90
ZN ZN W . 6.70 14.94 0.31
ZN ZN X . 10.50 14.93 3.76
ZN ZN Y . 13.78 14.67 5.22
ZN ZN Z . 3.61 9.43 21.25
BR BR AA . 6.07 17.18 0.80
S SO4 BA . 9.20 9.78 0.30
O1 SO4 BA . 10.13 10.36 -0.69
O2 SO4 BA . 8.86 10.82 1.27
O3 SO4 BA . 8.01 9.31 -0.39
O4 SO4 BA . 9.89 8.68 0.98
#